data_7WRU
#
_entry.id   7WRU
#
_cell.length_a   89.044
_cell.length_b   41.762
_cell.length_c   92.186
_cell.angle_alpha   90.000
_cell.angle_beta   100.200
_cell.angle_gamma   90.000
#
_symmetry.space_group_name_H-M   'P 1 21 1'
#
loop_
_entity.id
_entity.type
_entity.pdbx_description
1 polymer 'Glutamyl-tRNA synthetase'
2 non-polymer 'MERCURY (II) ION'
3 water water
#
_entity_poly.entity_id   1
_entity_poly.type   'polypeptide(L)'
_entity_poly.pdbx_seq_one_letter_code
;MATEKKADVGKFVELPGAEMGKVIVRFPPEASGYLHIGHAKAALLNQHYQVNFKGKLIMRFDDTNPEKEKEDFEKVILED
VAMLHIKPDQFTYTSDHFETIMKYAEQLIQEGKAYVDDTPAEQMKAEREQRMESKHRNNCVNKNLQMWEEMKKGTEYGQT
CCLRAKIDMNSNNGCMRDPTLYRCKNQPHPRTGTTYKVYPTYDFACPIVDSIEGVTHALRTTEYHDRDEQFYWIIEALGI
RKPYIWEYSRLNLNNTVLSKRKLMWFVNEGLVDGWDDPRFPTVRGVLRRGMTVEGLKQFIAAQGSSRSVVNMEWDKIWSF
NKKVIDPVAPRYTALLKDAVVPVNVPEAQEEMKEVAKHPKNADVGLKPVWYGSKVLIEGADAETLTEGEVVTFINWGNII
ITKLNRNSSGKIVSIDTKLNLDNKDFKKTTKITWLAETPRAPLIPTVCVNYEHLITKPVLGKDEDFKQYINRNSKQEELM
LGDPCLKDLKKGDIIQLQRRGFFICDQPYEPVSPYSCKEAPCILIYIPDGH
;
_entity_poly.pdbx_strand_id   A
#
loop_
_chem_comp.id
_chem_comp.type
_chem_comp.name
_chem_comp.formula
HG non-polymer 'MERCURY (II) ION' 'Hg 2'
#
# COMPACT_ATOMS: atom_id res chain seq x y z
N VAL A 13 1.06 -6.14 21.94
CA VAL A 13 -0.16 -5.58 21.40
C VAL A 13 -1.17 -5.37 22.56
N GLU A 14 -0.82 -4.53 23.54
CA GLU A 14 -1.63 -4.31 24.75
C GLU A 14 -2.47 -3.03 24.60
N LEU A 15 -3.79 -3.17 24.65
CA LEU A 15 -4.71 -2.07 24.40
C LEU A 15 -5.42 -1.66 25.68
N PRO A 16 -5.17 -0.47 26.22
CA PRO A 16 -5.84 -0.07 27.45
C PRO A 16 -7.32 0.20 27.20
N GLY A 17 -8.17 -0.25 28.13
CA GLY A 17 -9.59 -0.04 28.07
C GLY A 17 -10.35 -0.92 27.09
N ALA A 18 -9.70 -1.90 26.48
CA ALA A 18 -10.32 -2.67 25.39
C ALA A 18 -11.20 -3.79 25.94
N GLU A 19 -12.51 -3.61 25.90
CA GLU A 19 -13.47 -4.65 26.27
C GLU A 19 -14.12 -5.25 25.02
N MET A 20 -14.51 -6.53 25.13
CA MET A 20 -15.13 -7.23 23.99
C MET A 20 -16.38 -6.51 23.48
N GLY A 21 -16.48 -6.33 22.17
CA GLY A 21 -17.64 -5.64 21.63
C GLY A 21 -17.70 -4.15 21.89
N LYS A 22 -16.67 -3.55 22.48
CA LYS A 22 -16.76 -2.14 22.78
C LYS A 22 -15.69 -1.33 22.12
N VAL A 23 -14.73 -1.97 21.46
CA VAL A 23 -13.73 -1.25 20.70
C VAL A 23 -14.38 -0.67 19.46
N ILE A 24 -14.19 0.63 19.22
CA ILE A 24 -14.60 1.27 17.98
C ILE A 24 -13.40 2.06 17.45
N VAL A 25 -12.87 1.62 16.31
CA VAL A 25 -11.69 2.21 15.69
C VAL A 25 -12.08 2.75 14.32
N ARG A 26 -11.19 3.54 13.72
CA ARG A 26 -11.48 4.07 12.39
C ARG A 26 -10.20 4.27 11.59
N PHE A 27 -10.35 4.09 10.27
CA PHE A 27 -9.31 4.39 9.29
C PHE A 27 -9.73 5.64 8.54
N PRO A 28 -9.03 6.77 8.64
CA PRO A 28 -9.59 8.01 8.09
C PRO A 28 -8.78 8.54 6.92
N PRO A 29 -8.83 7.90 5.75
CA PRO A 29 -8.01 8.36 4.63
C PRO A 29 -8.71 9.46 3.86
N GLU A 30 -7.91 10.31 3.24
CA GLU A 30 -8.39 11.44 2.44
C GLU A 30 -8.30 11.07 0.97
N ALA A 31 -9.40 11.28 0.23
CA ALA A 31 -9.50 10.75 -1.14
C ALA A 31 -8.76 11.69 -2.10
N SER A 32 -7.42 11.59 -2.04
CA SER A 32 -6.52 12.45 -2.82
C SER A 32 -5.44 11.68 -3.56
N GLY A 33 -5.55 10.34 -3.63
CA GLY A 33 -4.59 9.55 -4.35
C GLY A 33 -4.75 8.08 -3.99
N TYR A 34 -3.81 7.26 -4.48
CA TYR A 34 -3.78 5.83 -4.19
C TYR A 34 -3.28 5.58 -2.78
N LEU A 35 -3.76 4.48 -2.18
CA LEU A 35 -3.22 4.04 -0.90
C LEU A 35 -1.85 3.42 -1.10
N HIS A 36 -0.94 3.64 -0.16
CA HIS A 36 0.37 3.00 -0.26
C HIS A 36 0.65 2.12 0.96
N ILE A 37 1.86 1.57 0.99
CA ILE A 37 2.21 0.58 2.01
C ILE A 37 2.04 1.16 3.41
N GLY A 38 2.31 2.45 3.58
CA GLY A 38 2.10 3.05 4.88
C GLY A 38 0.64 3.06 5.29
N HIS A 39 -0.26 3.46 4.36
CA HIS A 39 -1.69 3.37 4.60
C HIS A 39 -2.10 1.93 4.90
N ALA A 40 -1.49 0.97 4.23
CA ALA A 40 -1.89 -0.41 4.48
C ALA A 40 -1.60 -0.83 5.91
N LYS A 41 -0.54 -0.28 6.53
CA LYS A 41 -0.28 -0.65 7.92
C LYS A 41 -1.35 -0.09 8.84
N ALA A 42 -1.65 1.22 8.72
CA ALA A 42 -2.67 1.81 9.59
C ALA A 42 -4.00 1.08 9.46
N ALA A 43 -4.37 0.71 8.23
CA ALA A 43 -5.62 0.02 8.01
C ALA A 43 -5.57 -1.40 8.59
N LEU A 44 -4.49 -2.14 8.34
CA LEU A 44 -4.39 -3.51 8.88
C LEU A 44 -4.34 -3.54 10.41
N LEU A 45 -3.75 -2.52 11.03
CA LEU A 45 -3.72 -2.48 12.49
C LEU A 45 -5.11 -2.22 13.06
N ASN A 46 -5.85 -1.29 12.44
CA ASN A 46 -7.23 -1.07 12.86
C ASN A 46 -8.02 -2.36 12.76
N GLN A 47 -7.92 -3.05 11.62
CA GLN A 47 -8.63 -4.31 11.46
C GLN A 47 -8.30 -5.28 12.57
N HIS A 48 -7.02 -5.30 12.95
CA HIS A 48 -6.58 -6.19 14.02
C HIS A 48 -7.41 -6.00 15.29
N TYR A 49 -7.69 -4.74 15.65
CA TYR A 49 -8.42 -4.50 16.88
C TYR A 49 -9.90 -4.76 16.71
N GLN A 50 -10.44 -4.45 15.53
CA GLN A 50 -11.81 -4.82 15.17
C GLN A 50 -12.00 -6.31 15.27
N VAL A 51 -11.09 -7.07 14.68
CA VAL A 51 -11.21 -8.52 14.66
C VAL A 51 -10.97 -9.12 16.06
N ASN A 52 -9.92 -8.67 16.79
CA ASN A 52 -9.60 -9.34 18.06
C ASN A 52 -10.58 -9.00 19.15
N PHE A 53 -11.22 -7.84 19.07
CA PHE A 53 -12.11 -7.41 20.14
C PHE A 53 -13.58 -7.42 19.76
N LYS A 54 -13.91 -7.95 18.57
CA LYS A 54 -15.25 -7.90 18.02
C LYS A 54 -15.84 -6.51 18.16
N GLY A 55 -15.11 -5.53 17.61
CA GLY A 55 -15.53 -4.15 17.64
C GLY A 55 -15.87 -3.60 16.26
N LYS A 56 -16.33 -2.35 16.26
CA LYS A 56 -16.70 -1.65 15.03
C LYS A 56 -15.45 -1.03 14.39
N LEU A 57 -15.31 -1.20 13.08
CA LEU A 57 -14.31 -0.48 12.29
C LEU A 57 -15.03 0.48 11.34
N ILE A 58 -14.82 1.80 11.55
CA ILE A 58 -15.44 2.87 10.76
C ILE A 58 -14.43 3.35 9.72
N MET A 59 -14.78 3.29 8.45
CA MET A 59 -13.99 3.99 7.45
C MET A 59 -14.58 5.36 7.20
N ARG A 60 -13.75 6.39 7.28
CA ARG A 60 -14.22 7.76 7.21
C ARG A 60 -13.33 8.56 6.26
N PHE A 61 -13.92 9.09 5.19
CA PHE A 61 -13.20 9.92 4.25
C PHE A 61 -12.98 11.32 4.83
N ASP A 62 -11.74 11.77 4.92
CA ASP A 62 -11.51 13.12 5.40
C ASP A 62 -11.85 14.06 4.27
N ASP A 63 -13.02 14.67 4.32
CA ASP A 63 -13.45 15.51 3.22
C ASP A 63 -13.76 16.93 3.74
N THR A 64 -12.87 17.43 4.62
CA THR A 64 -13.06 18.77 5.17
C THR A 64 -12.73 19.83 4.14
N ASN A 65 -11.84 19.51 3.23
CA ASN A 65 -11.31 20.43 2.25
C ASN A 65 -12.02 20.22 0.93
N PRO A 66 -12.69 21.23 0.35
CA PRO A 66 -13.40 21.03 -0.92
C PRO A 66 -12.51 21.00 -2.15
N GLU A 67 -11.19 21.11 -2.01
CA GLU A 67 -10.31 21.23 -3.17
C GLU A 67 -9.72 19.88 -3.54
N LYS A 68 -8.58 19.57 -2.90
CA LYS A 68 -7.78 18.37 -3.19
C LYS A 68 -8.61 17.07 -3.27
N GLU A 69 -9.63 16.92 -2.43
CA GLU A 69 -10.36 15.66 -2.36
C GLU A 69 -11.31 15.54 -3.56
N LYS A 70 -11.19 14.43 -4.30
CA LYS A 70 -12.03 14.15 -5.45
C LYS A 70 -12.68 12.78 -5.27
N GLU A 71 -13.94 12.66 -5.73
CA GLU A 71 -14.69 11.42 -5.58
C GLU A 71 -14.24 10.30 -6.54
N ASP A 72 -13.30 10.57 -7.47
CA ASP A 72 -12.76 9.50 -8.30
C ASP A 72 -11.82 8.60 -7.48
N PHE A 73 -10.94 9.21 -6.66
CA PHE A 73 -10.08 8.42 -5.80
C PHE A 73 -10.89 7.70 -4.73
N GLU A 74 -12.05 8.25 -4.38
CA GLU A 74 -12.98 7.56 -3.48
C GLU A 74 -13.20 6.12 -3.94
N LYS A 75 -13.37 5.92 -5.25
CA LYS A 75 -13.47 4.58 -5.75
C LYS A 75 -12.15 3.86 -5.59
N VAL A 76 -11.05 4.52 -5.97
CA VAL A 76 -9.72 3.93 -5.87
C VAL A 76 -9.45 3.42 -4.46
N ILE A 77 -9.81 4.22 -3.45
CA ILE A 77 -9.44 3.89 -2.09
C ILE A 77 -10.30 2.76 -1.55
N LEU A 78 -11.58 2.74 -1.90
CA LEU A 78 -12.46 1.63 -1.51
C LEU A 78 -12.00 0.31 -2.13
N GLU A 79 -11.59 0.32 -3.40
CA GLU A 79 -11.05 -0.88 -4.03
C GLU A 79 -9.73 -1.29 -3.37
N ASP A 80 -8.89 -0.31 -3.01
CA ASP A 80 -7.67 -0.61 -2.26
C ASP A 80 -7.99 -1.26 -0.92
N VAL A 81 -8.94 -0.71 -0.17
CA VAL A 81 -9.34 -1.34 1.09
C VAL A 81 -9.78 -2.78 0.84
N ALA A 82 -10.65 -2.98 -0.14
CA ALA A 82 -11.19 -4.31 -0.41
C ALA A 82 -10.09 -5.33 -0.66
N MET A 83 -9.10 -4.97 -1.49
CA MET A 83 -8.08 -5.94 -1.85
C MET A 83 -7.11 -6.21 -0.71
N LEU A 84 -7.10 -5.37 0.34
CA LEU A 84 -6.47 -5.79 1.59
C LEU A 84 -7.37 -6.70 2.43
N HIS A 85 -8.60 -6.97 1.97
CA HIS A 85 -9.59 -7.84 2.63
C HIS A 85 -10.08 -7.23 3.94
N ILE A 86 -10.08 -5.90 4.03
CA ILE A 86 -10.62 -5.17 5.18
C ILE A 86 -12.08 -4.83 4.89
N LYS A 87 -12.95 -5.10 5.86
CA LYS A 87 -14.40 -5.08 5.68
C LYS A 87 -14.97 -4.16 6.74
N PRO A 88 -15.01 -2.87 6.48
CA PRO A 88 -15.52 -1.94 7.50
C PRO A 88 -17.00 -2.15 7.78
N ASP A 89 -17.40 -1.79 9.01
CA ASP A 89 -18.75 -1.90 9.51
C ASP A 89 -19.61 -0.66 9.29
N GLN A 90 -19.03 0.44 8.85
CA GLN A 90 -19.75 1.70 8.69
C GLN A 90 -18.85 2.62 7.90
N PHE A 91 -19.42 3.34 6.94
CA PHE A 91 -18.65 4.23 6.08
C PHE A 91 -19.16 5.66 6.29
N THR A 92 -18.26 6.63 6.46
CA THR A 92 -18.74 7.98 6.76
C THR A 92 -17.91 9.02 6.03
N TYR A 93 -18.29 10.28 6.25
CA TYR A 93 -17.67 11.48 5.72
C TYR A 93 -17.65 12.51 6.84
N THR A 94 -16.50 13.16 7.05
CA THR A 94 -16.45 14.30 7.95
C THR A 94 -17.58 15.29 7.65
N SER A 95 -17.71 15.71 6.39
CA SER A 95 -18.79 16.61 5.95
C SER A 95 -20.18 16.18 6.42
N ASP A 96 -20.43 14.89 6.69
CA ASP A 96 -21.64 14.52 7.41
C ASP A 96 -21.83 15.28 8.70
N HIS A 97 -20.79 15.88 9.28
CA HIS A 97 -20.94 16.56 10.55
C HIS A 97 -20.69 18.08 10.49
N PHE A 98 -20.51 18.66 9.30
CA PHE A 98 -20.27 20.10 9.18
C PHE A 98 -21.18 20.94 10.09
N GLU A 99 -22.47 20.62 10.17
CA GLU A 99 -23.33 21.45 10.99
C GLU A 99 -22.96 21.36 12.47
N THR A 100 -22.69 20.15 12.97
CA THR A 100 -22.36 20.01 14.38
C THR A 100 -21.03 20.68 14.69
N ILE A 101 -20.03 20.51 13.81
CA ILE A 101 -18.72 21.13 14.02
C ILE A 101 -18.86 22.65 14.11
N MET A 102 -19.65 23.24 13.22
CA MET A 102 -19.78 24.69 13.21
C MET A 102 -20.47 25.16 14.48
N LYS A 103 -21.46 24.41 14.97
CA LYS A 103 -22.11 24.80 16.22
C LYS A 103 -21.14 24.78 17.39
N TYR A 104 -20.11 23.93 17.34
CA TYR A 104 -19.14 23.90 18.42
C TYR A 104 -18.13 25.04 18.28
N ALA A 105 -17.67 25.30 17.05
CA ALA A 105 -16.91 26.52 16.78
C ALA A 105 -17.63 27.73 17.32
N GLU A 106 -18.94 27.82 17.08
CA GLU A 106 -19.65 29.00 17.55
C GLU A 106 -19.78 29.00 19.06
N GLN A 107 -20.02 27.84 19.65
CA GLN A 107 -20.03 27.75 21.10
C GLN A 107 -18.74 28.34 21.70
N LEU A 108 -17.60 28.13 21.03
CA LEU A 108 -16.30 28.52 21.58
C LEU A 108 -16.07 30.03 21.47
N ILE A 109 -16.48 30.63 20.35
CA ILE A 109 -16.48 32.09 20.25
C ILE A 109 -17.32 32.69 21.35
N GLN A 110 -18.50 32.11 21.58
CA GLN A 110 -19.44 32.65 22.57
C GLN A 110 -18.82 32.69 23.95
N GLU A 111 -18.03 31.68 24.30
CA GLU A 111 -17.34 31.61 25.59
C GLU A 111 -15.99 32.33 25.59
N GLY A 112 -15.63 33.01 24.50
CA GLY A 112 -14.33 33.65 24.40
C GLY A 112 -13.15 32.71 24.29
N LYS A 113 -13.37 31.45 23.89
CA LYS A 113 -12.26 30.53 23.69
C LYS A 113 -11.84 30.42 22.23
N ALA A 114 -12.38 31.26 21.34
CA ALA A 114 -11.87 31.38 19.99
C ALA A 114 -11.99 32.84 19.55
N TYR A 115 -11.22 33.20 18.52
CA TYR A 115 -11.22 34.57 18.03
C TYR A 115 -10.87 34.53 16.55
N VAL A 116 -11.33 35.55 15.80
CA VAL A 116 -11.01 35.57 14.38
C VAL A 116 -9.81 36.48 14.19
N ASP A 117 -9.01 36.16 13.18
CA ASP A 117 -7.71 36.77 12.95
C ASP A 117 -7.50 37.01 11.46
N ASP A 118 -7.19 38.24 11.07
CA ASP A 118 -6.86 38.55 9.68
C ASP A 118 -5.35 38.74 9.47
N THR A 119 -4.54 38.44 10.48
CA THR A 119 -3.09 38.66 10.42
C THR A 119 -2.48 37.92 9.23
N PRO A 120 -1.68 38.59 8.39
CA PRO A 120 -1.08 37.92 7.23
C PRO A 120 -0.25 36.72 7.64
N ALA A 121 -0.20 35.73 6.76
CA ALA A 121 0.35 34.41 7.13
C ALA A 121 1.79 34.50 7.60
N GLU A 122 2.66 35.17 6.82
CA GLU A 122 4.05 35.28 7.23
C GLU A 122 4.17 35.87 8.62
N GLN A 123 3.39 36.91 8.93
CA GLN A 123 3.48 37.53 10.24
C GLN A 123 2.91 36.61 11.33
N MET A 124 1.83 35.88 11.02
CA MET A 124 1.28 34.93 11.97
C MET A 124 2.32 33.86 12.34
N LYS A 125 3.06 33.41 11.33
CA LYS A 125 4.08 32.38 11.53
C LYS A 125 5.19 32.89 12.43
N ALA A 126 5.61 34.14 12.21
CA ALA A 126 6.68 34.73 13.00
C ALA A 126 6.24 34.96 14.44
N GLU A 127 4.97 35.33 14.65
CA GLU A 127 4.48 35.50 16.00
C GLU A 127 4.45 34.18 16.75
N ARG A 128 4.09 33.10 16.05
CA ARG A 128 3.98 31.80 16.71
C ARG A 128 5.34 31.33 17.19
N GLU A 129 6.37 31.44 16.34
CA GLU A 129 7.72 31.03 16.72
C GLU A 129 8.22 31.78 17.95
N GLN A 130 7.99 33.09 18.02
CA GLN A 130 8.40 33.90 19.16
C GLN A 130 7.32 34.04 20.21
N ARG A 131 6.39 33.08 20.26
CA ARG A 131 5.37 32.99 21.32
C ARG A 131 4.64 34.32 21.58
N MET A 132 4.43 35.13 20.55
CA MET A 132 3.73 36.40 20.70
C MET A 132 2.23 36.28 20.45
N GLU A 133 1.48 37.22 21.03
CA GLU A 133 0.03 37.25 20.92
C GLU A 133 -0.37 38.09 19.73
N SER A 134 -1.45 37.67 19.09
CA SER A 134 -1.98 38.33 17.91
C SER A 134 -2.67 39.63 18.26
N LYS A 135 -2.67 40.58 17.33
CA LYS A 135 -3.44 41.79 17.58
C LYS A 135 -4.93 41.50 17.82
N HIS A 136 -5.44 40.30 17.51
CA HIS A 136 -6.86 40.03 17.68
C HIS A 136 -7.23 39.17 18.89
N ARG A 137 -6.24 38.52 19.52
CA ARG A 137 -6.53 37.51 20.53
C ARG A 137 -7.50 37.99 21.60
N ASN A 138 -7.51 39.30 21.90
CA ASN A 138 -8.33 39.88 22.97
C ASN A 138 -9.58 40.61 22.44
N ASN A 139 -10.00 40.31 21.21
CA ASN A 139 -11.29 40.82 20.73
C ASN A 139 -12.40 40.45 21.69
N CYS A 140 -13.32 41.38 21.93
CA CYS A 140 -14.51 41.07 22.73
C CYS A 140 -15.38 40.14 21.85
N VAL A 141 -16.36 39.47 22.47
CA VAL A 141 -17.08 38.39 21.77
C VAL A 141 -17.83 38.92 20.54
N ASN A 142 -18.49 40.07 20.66
CA ASN A 142 -19.30 40.55 19.54
C ASN A 142 -18.46 40.98 18.34
N LYS A 143 -17.21 41.36 18.54
CA LYS A 143 -16.39 41.68 17.38
C LYS A 143 -16.01 40.41 16.63
N ASN A 144 -15.58 39.38 17.39
CA ASN A 144 -15.33 38.06 16.82
C ASN A 144 -16.53 37.60 16.03
N LEU A 145 -17.73 37.65 16.64
CA LEU A 145 -18.94 37.21 15.92
C LEU A 145 -19.14 38.02 14.64
N GLN A 146 -18.79 39.30 14.67
CA GLN A 146 -18.90 40.11 13.46
C GLN A 146 -17.97 39.57 12.38
N MET A 147 -16.69 39.40 12.71
CA MET A 147 -15.74 38.88 11.74
C MET A 147 -16.08 37.46 11.34
N TRP A 148 -16.81 36.73 12.19
CA TRP A 148 -17.16 35.36 11.84
C TRP A 148 -18.26 35.33 10.77
N GLU A 149 -19.32 36.13 10.93
CA GLU A 149 -20.35 36.14 9.89
C GLU A 149 -19.78 36.63 8.57
N GLU A 150 -18.74 37.46 8.63
CA GLU A 150 -18.03 37.82 7.42
C GLU A 150 -17.53 36.56 6.73
N MET A 151 -16.77 35.74 7.47
CA MET A 151 -16.27 34.47 6.96
C MET A 151 -17.41 33.60 6.46
N LYS A 152 -18.51 33.50 7.24
CA LYS A 152 -19.62 32.63 6.88
C LYS A 152 -20.28 33.06 5.58
N LYS A 153 -20.28 34.35 5.26
CA LYS A 153 -20.86 34.83 4.03
C LYS A 153 -19.85 34.91 2.89
N GLY A 154 -18.70 34.25 3.05
CA GLY A 154 -17.71 34.12 2.00
C GLY A 154 -17.16 35.39 1.39
N THR A 155 -17.21 36.53 2.11
CA THR A 155 -16.81 37.80 1.51
C THR A 155 -15.28 37.85 1.26
N GLU A 156 -14.86 38.89 0.54
CA GLU A 156 -13.45 39.04 0.17
C GLU A 156 -12.57 39.40 1.39
N TYR A 157 -13.13 40.12 2.36
CA TYR A 157 -12.35 40.36 3.57
C TYR A 157 -12.34 39.12 4.46
N GLY A 158 -13.46 38.39 4.53
CA GLY A 158 -13.50 37.18 5.33
C GLY A 158 -12.59 36.11 4.80
N GLN A 159 -12.34 36.12 3.49
CA GLN A 159 -11.40 35.19 2.89
C GLN A 159 -9.97 35.43 3.31
N THR A 160 -9.72 36.50 4.05
CA THR A 160 -8.39 36.81 4.57
C THR A 160 -8.28 36.48 6.05
N CYS A 161 -9.41 36.22 6.70
CA CYS A 161 -9.45 35.86 8.10
C CYS A 161 -9.25 34.35 8.29
N CYS A 162 -9.26 33.95 9.55
CA CYS A 162 -8.81 32.66 10.06
C CYS A 162 -9.57 32.52 11.38
N LEU A 163 -10.19 31.37 11.68
CA LEU A 163 -10.67 31.17 13.06
C LEU A 163 -9.64 30.37 13.87
N ARG A 164 -9.35 30.82 15.10
CA ARG A 164 -8.29 30.24 15.93
C ARG A 164 -8.75 29.93 17.36
N ALA A 165 -8.31 28.80 17.91
CA ALA A 165 -8.60 28.52 19.30
C ALA A 165 -7.74 29.38 20.23
N LYS A 166 -8.26 29.70 21.40
CA LYS A 166 -7.53 30.52 22.35
C LYS A 166 -6.95 29.60 23.43
N ILE A 167 -5.74 29.13 23.18
CA ILE A 167 -5.07 28.18 24.06
C ILE A 167 -3.93 28.87 24.81
N ASP A 168 -2.69 28.78 24.31
CA ASP A 168 -1.55 29.23 25.10
C ASP A 168 -0.35 29.50 24.18
N MET A 169 -0.12 30.77 23.86
CA MET A 169 0.99 31.11 22.96
C MET A 169 2.34 30.94 23.63
N ASN A 170 2.39 30.67 24.93
CA ASN A 170 3.67 30.44 25.58
C ASN A 170 4.06 28.97 25.66
N SER A 171 3.25 28.07 25.08
CA SER A 171 3.47 26.63 25.19
C SER A 171 4.75 26.14 24.54
N ASN A 172 5.40 25.19 25.21
CA ASN A 172 6.45 24.43 24.58
C ASN A 172 5.97 23.71 23.34
N ASN A 173 4.70 23.34 23.33
CA ASN A 173 4.09 22.62 22.22
C ASN A 173 3.56 23.62 21.21
N GLY A 174 4.17 23.66 20.01
CA GLY A 174 3.72 24.61 19.01
C GLY A 174 2.25 24.44 18.70
N CYS A 175 1.75 23.22 18.92
CA CYS A 175 0.38 22.81 18.68
C CYS A 175 -0.61 23.52 19.58
N MET A 176 -0.15 24.07 20.70
CA MET A 176 -1.00 24.78 21.64
C MET A 176 -1.01 26.27 21.39
N ARG A 177 -0.27 26.75 20.38
CA ARG A 177 -0.16 28.19 20.17
C ARG A 177 -1.27 28.67 19.23
N ASP A 178 -2.48 28.65 19.75
CA ASP A 178 -3.65 29.17 19.04
C ASP A 178 -3.77 28.62 17.64
N PRO A 179 -4.03 27.33 17.49
CA PRO A 179 -4.18 26.75 16.15
C PRO A 179 -5.42 27.26 15.43
N THR A 180 -5.33 27.24 14.11
CA THR A 180 -6.47 27.53 13.26
C THR A 180 -7.50 26.39 13.31
N LEU A 181 -8.77 26.77 13.48
CA LEU A 181 -9.90 25.85 13.48
C LEU A 181 -10.67 25.87 12.17
N TYR A 182 -10.80 27.04 11.55
CA TYR A 182 -11.67 27.19 10.40
C TYR A 182 -11.02 28.12 9.39
N ARG A 183 -11.07 27.74 8.12
CA ARG A 183 -10.60 28.61 7.06
C ARG A 183 -11.72 28.85 6.06
N CYS A 184 -11.53 29.90 5.26
CA CYS A 184 -12.51 30.39 4.30
C CYS A 184 -12.15 29.83 2.92
N LYS A 185 -13.09 29.12 2.30
CA LYS A 185 -12.91 28.57 0.95
C LYS A 185 -14.20 28.81 0.20
N ASN A 186 -14.11 29.37 -1.01
CA ASN A 186 -15.28 29.65 -1.81
C ASN A 186 -15.58 28.56 -2.83
N GLN A 187 -14.86 27.44 -2.79
CA GLN A 187 -15.20 26.38 -3.72
C GLN A 187 -16.45 25.64 -3.24
N PRO A 188 -17.35 25.28 -4.16
CA PRO A 188 -18.41 24.32 -3.84
C PRO A 188 -17.81 23.04 -3.27
N HIS A 189 -18.48 22.50 -2.29
CA HIS A 189 -18.13 21.19 -1.76
C HIS A 189 -18.80 20.08 -2.56
N PRO A 190 -18.14 18.92 -2.74
CA PRO A 190 -18.75 17.85 -3.56
C PRO A 190 -20.06 17.35 -3.00
N ARG A 191 -20.21 17.38 -1.68
CA ARG A 191 -21.40 16.82 -1.05
C ARG A 191 -22.31 17.87 -0.44
N THR A 192 -21.74 18.91 0.20
CA THR A 192 -22.51 19.98 0.81
C THR A 192 -22.68 21.17 -0.13
N GLY A 193 -21.97 21.20 -1.25
CA GLY A 193 -22.24 22.21 -2.25
C GLY A 193 -21.83 23.62 -1.87
N THR A 194 -22.80 24.54 -1.82
CA THR A 194 -22.51 25.91 -1.43
C THR A 194 -23.16 26.27 -0.12
N THR A 195 -23.70 25.30 0.61
CA THR A 195 -24.19 25.60 1.94
C THR A 195 -23.13 26.27 2.84
N TYR A 196 -21.86 25.87 2.73
CA TYR A 196 -20.82 26.39 3.61
C TYR A 196 -19.75 27.13 2.81
N LYS A 197 -19.42 28.34 3.25
CA LYS A 197 -18.24 29.06 2.78
C LYS A 197 -17.03 28.89 3.70
N VAL A 198 -17.21 28.35 4.91
CA VAL A 198 -16.09 28.10 5.79
C VAL A 198 -15.99 26.61 6.12
N TYR A 199 -14.75 26.11 6.26
CA TYR A 199 -14.49 24.67 6.42
C TYR A 199 -13.49 24.39 7.55
N PRO A 200 -13.80 23.41 8.41
CA PRO A 200 -12.90 23.10 9.54
C PRO A 200 -11.54 22.58 9.10
N THR A 201 -10.52 22.90 9.91
CA THR A 201 -9.24 22.22 9.81
C THR A 201 -9.35 20.78 10.33
N TYR A 202 -8.40 19.94 9.90
CA TYR A 202 -8.19 18.63 10.51
C TYR A 202 -8.06 18.72 12.04
N ASP A 203 -7.33 19.73 12.52
CA ASP A 203 -7.01 19.80 13.95
C ASP A 203 -8.26 20.01 14.79
N PHE A 204 -9.24 20.70 14.24
CA PHE A 204 -10.53 20.81 14.90
C PHE A 204 -11.44 19.66 14.51
N ALA A 205 -11.05 18.92 13.46
CA ALA A 205 -11.88 17.85 12.89
C ALA A 205 -11.86 16.58 13.74
N CYS A 206 -10.66 15.82 13.84
CA CYS A 206 -10.52 14.52 14.56
C CYS A 206 -11.32 14.55 15.86
N PRO A 207 -11.00 15.45 16.80
CA PRO A 207 -11.58 15.29 18.15
C PRO A 207 -13.10 15.17 18.12
N ILE A 208 -13.76 16.11 17.44
CA ILE A 208 -15.22 16.16 17.45
C ILE A 208 -15.81 14.98 16.69
N VAL A 209 -15.24 14.65 15.54
CA VAL A 209 -15.81 13.61 14.72
C VAL A 209 -15.57 12.24 15.36
N ASP A 210 -14.32 11.96 15.78
CA ASP A 210 -14.05 10.76 16.56
C ASP A 210 -14.92 10.68 17.82
N SER A 211 -15.33 11.82 18.35
CA SER A 211 -16.16 11.75 19.55
C SER A 211 -17.62 11.49 19.19
N ILE A 212 -18.17 12.15 18.15
CA ILE A 212 -19.56 11.92 17.75
C ILE A 212 -19.75 10.48 17.32
N GLU A 213 -18.79 9.96 16.58
CA GLU A 213 -18.84 8.62 16.00
C GLU A 213 -18.48 7.53 17.00
N GLY A 214 -18.21 7.89 18.25
CA GLY A 214 -18.05 6.90 19.31
C GLY A 214 -16.70 6.20 19.34
N VAL A 215 -15.73 6.65 18.55
CA VAL A 215 -14.43 6.04 18.50
C VAL A 215 -13.85 5.93 19.91
N THR A 216 -13.35 4.74 20.26
CA THR A 216 -12.73 4.51 21.56
C THR A 216 -11.21 4.54 21.52
N HIS A 217 -10.62 4.28 20.37
CA HIS A 217 -9.18 4.12 20.21
C HIS A 217 -8.81 4.72 18.87
N ALA A 218 -8.09 5.83 18.92
CA ALA A 218 -7.71 6.63 17.77
C ALA A 218 -6.22 6.40 17.53
N LEU A 219 -5.92 5.65 16.47
CA LEU A 219 -4.55 5.30 16.13
C LEU A 219 -3.89 6.43 15.36
N ARG A 220 -2.66 6.78 15.76
CA ARG A 220 -1.77 7.66 15.01
C ARG A 220 -0.36 7.09 14.99
N THR A 221 0.43 7.56 14.04
CA THR A 221 1.86 7.32 14.12
C THR A 221 2.49 8.24 15.17
N THR A 222 3.73 7.90 15.55
CA THR A 222 4.43 8.66 16.58
C THR A 222 4.74 10.11 16.15
N GLU A 223 4.75 10.38 14.85
CA GLU A 223 5.08 11.71 14.34
C GLU A 223 4.11 12.79 14.83
N TYR A 224 2.88 12.43 15.17
CA TYR A 224 1.87 13.41 15.54
C TYR A 224 1.53 13.36 17.03
N HIS A 225 2.51 13.08 17.88
CA HIS A 225 2.23 13.07 19.31
C HIS A 225 2.01 14.49 19.86
N ASP A 226 2.49 15.51 19.16
CA ASP A 226 2.24 16.87 19.62
C ASP A 226 0.76 17.25 19.53
N ARG A 227 0.00 16.62 18.63
CA ARG A 227 -1.39 17.03 18.45
C ARG A 227 -2.27 16.64 19.63
N ASP A 228 -1.85 15.68 20.45
CA ASP A 228 -2.73 15.15 21.49
C ASP A 228 -3.15 16.23 22.48
N GLU A 229 -2.18 17.00 22.97
CA GLU A 229 -2.49 18.07 23.92
C GLU A 229 -3.56 18.99 23.36
N GLN A 230 -3.42 19.37 22.10
CA GLN A 230 -4.40 20.21 21.45
C GLN A 230 -5.77 19.53 21.38
N PHE A 231 -5.80 18.22 21.02
CA PHE A 231 -7.07 17.48 20.92
C PHE A 231 -7.80 17.42 22.25
N TYR A 232 -7.11 16.94 23.30
CA TYR A 232 -7.74 16.88 24.61
C TYR A 232 -8.23 18.25 25.04
N TRP A 233 -7.49 19.31 24.67
CA TRP A 233 -7.96 20.68 24.97
C TRP A 233 -9.30 20.95 24.32
N ILE A 234 -9.39 20.69 23.01
CA ILE A 234 -10.66 20.84 22.30
C ILE A 234 -11.74 20.02 22.99
N ILE A 235 -11.40 18.76 23.33
CA ILE A 235 -12.39 17.86 23.89
C ILE A 235 -12.85 18.33 25.25
N GLU A 236 -11.93 18.81 26.09
CA GLU A 236 -12.38 19.32 27.38
C GLU A 236 -13.13 20.66 27.25
N ALA A 237 -12.73 21.53 26.31
CA ALA A 237 -13.42 22.81 26.17
C ALA A 237 -14.88 22.64 25.80
N LEU A 238 -15.16 21.65 24.93
CA LEU A 238 -16.52 21.35 24.53
C LEU A 238 -17.23 20.46 25.50
N GLY A 239 -16.50 19.71 26.31
CA GLY A 239 -17.13 18.72 27.18
C GLY A 239 -17.67 17.47 26.49
N ILE A 240 -17.09 17.07 25.36
CA ILE A 240 -17.54 15.86 24.69
C ILE A 240 -16.71 14.69 25.18
N ARG A 241 -17.10 13.48 24.80
CA ARG A 241 -16.39 12.31 25.28
C ARG A 241 -15.02 12.23 24.62
N LYS A 242 -14.09 11.56 25.33
CA LYS A 242 -12.66 11.56 25.04
C LYS A 242 -12.17 10.18 24.62
N PRO A 243 -11.84 9.94 23.35
CA PRO A 243 -11.24 8.65 22.97
C PRO A 243 -9.83 8.53 23.50
N TYR A 244 -9.38 7.28 23.67
CA TYR A 244 -7.96 7.04 23.82
C TYR A 244 -7.25 7.32 22.51
N ILE A 245 -6.03 7.83 22.61
CA ILE A 245 -5.12 7.90 21.48
C ILE A 245 -4.10 6.79 21.66
N TRP A 246 -3.81 6.06 20.60
CA TRP A 246 -2.95 4.89 20.62
C TRP A 246 -1.98 5.01 19.46
N GLU A 247 -0.70 4.82 19.71
CA GLU A 247 0.34 5.20 18.76
C GLU A 247 1.10 3.98 18.27
N TYR A 248 1.67 4.10 17.08
CA TYR A 248 2.44 3.05 16.45
C TYR A 248 3.47 3.73 15.58
N SER A 249 4.38 2.94 15.02
CA SER A 249 5.48 3.52 14.27
C SER A 249 5.18 3.50 12.78
N ARG A 250 5.49 4.60 12.10
CA ARG A 250 5.26 4.64 10.67
C ARG A 250 6.29 3.76 9.96
N LEU A 251 6.10 3.57 8.66
CA LEU A 251 6.86 2.59 7.91
C LEU A 251 7.97 3.29 7.14
N ASN A 252 9.21 3.05 7.55
CA ASN A 252 10.39 3.63 6.90
C ASN A 252 11.07 2.49 6.15
N LEU A 253 10.82 2.39 4.85
CA LEU A 253 11.38 1.32 4.04
C LEU A 253 12.53 1.85 3.18
N ASN A 254 13.56 1.02 3.03
CA ASN A 254 14.70 1.46 2.24
C ASN A 254 14.31 1.54 0.77
N ASN A 255 15.06 2.36 0.02
CA ASN A 255 14.89 2.54 -1.42
C ASN A 255 13.53 3.08 -1.83
N THR A 256 12.75 3.57 -0.87
CA THR A 256 11.33 3.81 -1.08
C THR A 256 11.03 5.28 -0.81
N VAL A 257 10.17 5.85 -1.64
CA VAL A 257 9.58 7.16 -1.36
C VAL A 257 8.07 7.02 -1.47
N LEU A 258 7.35 7.66 -0.56
CA LEU A 258 5.89 7.58 -0.54
C LEU A 258 5.19 8.81 -1.11
N SER A 259 5.85 9.99 -1.10
CA SER A 259 5.20 11.26 -1.45
C SER A 259 4.46 11.18 -2.77
N LYS A 260 3.20 11.63 -2.76
CA LYS A 260 2.45 11.72 -3.99
C LYS A 260 3.26 12.49 -5.04
N ARG A 261 3.77 13.65 -4.66
CA ARG A 261 4.52 14.48 -5.58
C ARG A 261 5.70 13.71 -6.17
N LYS A 262 6.59 13.18 -5.31
CA LYS A 262 7.77 12.47 -5.80
C LYS A 262 7.43 11.21 -6.59
N LEU A 263 6.28 10.57 -6.31
CA LEU A 263 5.96 9.39 -7.10
C LEU A 263 5.47 9.77 -8.48
N MET A 264 4.76 10.89 -8.59
CA MET A 264 4.22 11.31 -9.87
C MET A 264 5.31 11.82 -10.80
N TRP A 265 6.45 12.23 -10.26
CA TRP A 265 7.62 12.46 -11.10
C TRP A 265 8.00 11.20 -11.88
N PHE A 266 8.01 10.05 -11.19
CA PHE A 266 8.28 8.78 -11.85
C PHE A 266 7.22 8.47 -12.91
N VAL A 267 6.00 8.92 -12.69
CA VAL A 267 4.92 8.65 -13.63
C VAL A 267 5.04 9.53 -14.87
N ASN A 268 5.26 10.83 -14.68
CA ASN A 268 5.40 11.74 -15.81
C ASN A 268 6.66 11.43 -16.61
N GLU A 269 7.79 11.25 -15.93
CA GLU A 269 9.06 10.97 -16.59
C GLU A 269 9.13 9.54 -17.13
N GLY A 270 7.97 8.91 -17.30
CA GLY A 270 7.82 7.65 -18.02
C GLY A 270 8.67 6.46 -17.60
N LEU A 271 9.28 6.49 -16.41
CA LEU A 271 10.06 5.35 -15.93
C LEU A 271 9.18 4.28 -15.32
N VAL A 272 7.89 4.54 -15.19
CA VAL A 272 6.95 3.65 -14.52
C VAL A 272 5.63 3.74 -15.27
N ASP A 273 5.03 2.58 -15.57
CA ASP A 273 3.88 2.52 -16.45
C ASP A 273 2.55 2.86 -15.77
N GLY A 274 2.57 3.40 -14.56
CA GLY A 274 1.34 3.80 -13.92
C GLY A 274 1.43 3.63 -12.42
N TRP A 275 0.35 4.05 -11.75
CA TRP A 275 0.30 4.07 -10.30
C TRP A 275 0.21 2.68 -9.67
N ASP A 276 0.01 1.63 -10.48
CA ASP A 276 0.05 0.26 -9.96
C ASP A 276 1.23 -0.51 -10.51
N ASP A 277 2.28 0.19 -10.95
CA ASP A 277 3.47 -0.47 -11.46
C ASP A 277 4.12 -1.28 -10.34
N PRO A 278 4.53 -2.54 -10.61
CA PRO A 278 5.03 -3.39 -9.52
C PRO A 278 6.23 -2.82 -8.77
N ARG A 279 6.88 -1.77 -9.29
CA ARG A 279 7.96 -1.11 -8.58
C ARG A 279 7.44 -0.07 -7.60
N PHE A 280 6.18 0.33 -7.74
CA PHE A 280 5.60 1.35 -6.88
C PHE A 280 5.22 0.81 -5.50
N PRO A 281 5.32 1.64 -4.47
CA PRO A 281 4.95 1.21 -3.12
C PRO A 281 3.47 1.40 -2.79
N THR A 282 2.62 1.44 -3.81
CA THR A 282 1.19 1.51 -3.58
C THR A 282 0.65 0.11 -3.27
N VAL A 283 -0.47 0.06 -2.56
CA VAL A 283 -1.11 -1.23 -2.28
C VAL A 283 -1.26 -2.04 -3.57
N ARG A 284 -1.62 -1.36 -4.66
CA ARG A 284 -1.78 -2.01 -5.96
C ARG A 284 -0.47 -2.59 -6.47
N GLY A 285 0.56 -1.75 -6.59
CA GLY A 285 1.85 -2.23 -7.08
C GLY A 285 2.43 -3.37 -6.24
N VAL A 286 2.29 -3.29 -4.93
CA VAL A 286 2.87 -4.29 -4.05
C VAL A 286 2.20 -5.63 -4.27
N LEU A 287 0.86 -5.62 -4.34
CA LEU A 287 0.10 -6.83 -4.61
C LEU A 287 0.39 -7.38 -5.99
N ARG A 288 0.32 -6.52 -7.01
CA ARG A 288 0.65 -6.94 -8.37
C ARG A 288 2.07 -7.52 -8.47
N ARG A 289 2.99 -7.07 -7.59
CA ARG A 289 4.35 -7.57 -7.57
C ARG A 289 4.47 -8.98 -6.97
N GLY A 290 3.50 -9.43 -6.18
CA GLY A 290 3.62 -10.77 -5.64
C GLY A 290 3.39 -10.86 -4.15
N MET A 291 3.17 -9.72 -3.51
CA MET A 291 2.80 -9.72 -2.11
C MET A 291 1.41 -10.31 -1.93
N THR A 292 1.23 -11.10 -0.89
CA THR A 292 -0.08 -11.59 -0.51
C THR A 292 -0.53 -10.83 0.71
N VAL A 293 -1.86 -10.72 0.86
CA VAL A 293 -2.43 -10.06 2.02
C VAL A 293 -2.04 -10.80 3.29
N GLU A 294 -1.97 -12.13 3.23
CA GLU A 294 -1.56 -12.93 4.38
C GLU A 294 -0.12 -12.62 4.79
N GLY A 295 0.79 -12.53 3.81
CA GLY A 295 2.15 -12.14 4.12
C GLY A 295 2.23 -10.75 4.73
N LEU A 296 1.45 -9.80 4.21
CA LEU A 296 1.49 -8.45 4.73
C LEU A 296 0.92 -8.39 6.15
N LYS A 297 -0.26 -8.98 6.37
CA LYS A 297 -0.85 -8.96 7.71
C LYS A 297 0.08 -9.58 8.73
N GLN A 298 0.83 -10.60 8.31
CA GLN A 298 1.73 -11.27 9.24
C GLN A 298 2.83 -10.31 9.68
N PHE A 299 3.60 -9.80 8.72
CA PHE A 299 4.66 -8.84 9.04
C PHE A 299 4.10 -7.67 9.85
N ILE A 300 2.94 -7.14 9.45
CA ILE A 300 2.23 -6.15 10.24
C ILE A 300 1.99 -6.67 11.66
N ALA A 301 1.56 -7.94 11.78
CA ALA A 301 1.19 -8.49 13.08
C ALA A 301 2.40 -8.81 13.94
N ALA A 302 3.54 -9.08 13.32
CA ALA A 302 4.77 -9.13 14.10
C ALA A 302 5.15 -7.76 14.64
N GLN A 303 4.68 -6.68 14.00
CA GLN A 303 4.95 -5.34 14.50
C GLN A 303 4.12 -5.02 15.73
N GLY A 304 2.86 -5.47 15.71
CA GLY A 304 1.89 -5.06 16.70
C GLY A 304 1.88 -3.56 16.75
N SER A 305 2.24 -3.00 17.91
CA SER A 305 2.35 -1.56 18.03
C SER A 305 3.75 -1.16 18.50
N SER A 306 4.81 -1.84 18.03
CA SER A 306 6.15 -1.31 18.20
C SER A 306 6.20 0.15 17.78
N ARG A 307 7.05 0.93 18.46
CA ARG A 307 6.95 2.37 18.39
C ARG A 307 8.28 3.02 18.08
N SER A 308 9.14 2.30 17.36
CA SER A 308 10.53 2.69 17.16
C SER A 308 10.77 3.15 15.74
N VAL A 309 11.33 4.35 15.60
CA VAL A 309 11.97 4.78 14.37
C VAL A 309 12.97 3.73 13.93
N VAL A 310 12.73 3.12 12.77
CA VAL A 310 13.61 2.05 12.27
C VAL A 310 13.56 2.05 10.75
N ASN A 311 14.72 2.00 10.11
CA ASN A 311 14.75 1.82 8.65
C ASN A 311 14.49 0.37 8.31
N MET A 312 13.51 0.12 7.44
CA MET A 312 13.02 -1.22 7.14
C MET A 312 13.60 -1.70 5.81
N GLU A 313 14.14 -2.91 5.82
CA GLU A 313 14.52 -3.57 4.59
C GLU A 313 13.28 -4.25 4.03
N TRP A 314 12.95 -3.97 2.77
CA TRP A 314 11.82 -4.65 2.15
C TRP A 314 11.90 -6.16 2.34
N ASP A 315 13.10 -6.73 2.24
CA ASP A 315 13.26 -8.18 2.24
C ASP A 315 12.82 -8.81 3.56
N LYS A 316 12.68 -8.02 4.62
CA LYS A 316 12.02 -8.57 5.81
C LYS A 316 10.55 -8.85 5.54
N ILE A 317 9.89 -8.00 4.74
CA ILE A 317 8.48 -8.22 4.41
C ILE A 317 8.35 -9.38 3.44
N TRP A 318 9.26 -9.47 2.46
CA TRP A 318 9.22 -10.54 1.47
C TRP A 318 9.54 -11.89 2.09
N SER A 319 10.20 -11.92 3.23
CA SER A 319 10.48 -13.20 3.87
C SER A 319 9.21 -13.77 4.49
N PHE A 320 8.43 -12.94 5.19
CA PHE A 320 7.16 -13.42 5.70
C PHE A 320 6.28 -13.95 4.57
N ASN A 321 6.42 -13.34 3.38
CA ASN A 321 5.62 -13.73 2.23
C ASN A 321 6.09 -15.07 1.67
N LYS A 322 7.41 -15.29 1.64
CA LYS A 322 7.92 -16.58 1.20
C LYS A 322 7.32 -17.70 2.02
N LYS A 323 7.27 -17.53 3.34
CA LYS A 323 6.68 -18.55 4.20
C LYS A 323 5.20 -18.75 3.94
N VAL A 324 4.51 -17.74 3.43
CA VAL A 324 3.11 -17.90 3.09
C VAL A 324 2.97 -18.74 1.83
N ILE A 325 3.62 -18.31 0.74
CA ILE A 325 3.35 -18.88 -0.58
C ILE A 325 4.06 -20.23 -0.81
N ASP A 326 5.16 -20.51 -0.12
CA ASP A 326 5.91 -21.73 -0.39
C ASP A 326 5.12 -23.02 -0.12
N PRO A 327 4.37 -23.16 0.97
CA PRO A 327 3.71 -24.44 1.22
C PRO A 327 2.40 -24.66 0.46
N VAL A 328 2.19 -23.98 -0.67
CA VAL A 328 0.90 -24.03 -1.35
C VAL A 328 1.05 -23.77 -2.84
N ALA A 329 2.08 -23.04 -3.24
CA ALA A 329 2.23 -22.72 -4.66
C ALA A 329 2.50 -24.00 -5.45
N PRO A 330 1.86 -24.18 -6.60
CA PRO A 330 2.17 -25.33 -7.44
C PRO A 330 3.42 -25.07 -8.25
N ARG A 331 4.13 -26.17 -8.53
CA ARG A 331 5.42 -26.11 -9.21
C ARG A 331 5.21 -26.49 -10.66
N TYR A 332 5.37 -25.52 -11.56
CA TYR A 332 5.37 -25.77 -12.99
C TYR A 332 6.79 -25.61 -13.49
N THR A 333 6.95 -25.49 -14.80
CA THR A 333 8.30 -25.43 -15.35
C THR A 333 8.30 -24.59 -16.60
N ALA A 334 9.35 -23.81 -16.75
CA ALA A 334 9.52 -22.96 -17.93
C ALA A 334 10.98 -22.95 -18.34
N LEU A 335 11.21 -22.76 -19.63
CA LEU A 335 12.54 -22.66 -20.20
C LEU A 335 12.53 -21.50 -21.19
N LEU A 336 13.73 -21.02 -21.57
CA LEU A 336 13.81 -19.89 -22.50
C LEU A 336 13.41 -20.35 -23.90
N LYS A 337 13.82 -19.61 -24.93
CA LYS A 337 13.51 -19.98 -26.31
C LYS A 337 14.66 -19.69 -27.28
N ASP A 338 15.50 -18.67 -27.03
CA ASP A 338 16.64 -18.35 -27.87
C ASP A 338 17.95 -18.92 -27.31
N ALA A 339 17.88 -19.73 -26.25
CA ALA A 339 19.00 -20.49 -25.74
C ALA A 339 18.56 -21.90 -25.43
N VAL A 340 17.75 -22.47 -26.30
CA VAL A 340 17.22 -23.82 -26.11
C VAL A 340 17.78 -24.73 -27.18
N VAL A 341 17.91 -26.00 -26.83
CA VAL A 341 18.50 -26.97 -27.75
C VAL A 341 17.53 -28.13 -27.92
N PRO A 342 17.31 -28.61 -29.14
CA PRO A 342 16.48 -29.80 -29.33
C PRO A 342 17.14 -31.06 -28.77
N VAL A 343 16.32 -32.03 -28.38
CA VAL A 343 16.79 -33.29 -27.82
C VAL A 343 16.01 -34.45 -28.45
N ASN A 344 16.69 -35.58 -28.67
CA ASN A 344 16.07 -36.83 -29.13
C ASN A 344 16.35 -37.92 -28.11
N VAL A 345 15.30 -38.39 -27.44
CA VAL A 345 15.38 -39.65 -26.70
C VAL A 345 14.37 -40.60 -27.33
N PRO A 346 14.82 -41.73 -27.91
CA PRO A 346 13.93 -42.54 -28.76
C PRO A 346 13.20 -43.70 -28.06
N GLU A 347 13.02 -43.63 -26.74
CA GLU A 347 12.45 -44.75 -25.99
C GLU A 347 11.07 -44.48 -25.41
N ALA A 348 10.48 -43.31 -25.65
CA ALA A 348 9.22 -42.94 -25.01
C ALA A 348 8.22 -42.52 -26.08
N GLN A 349 7.05 -43.14 -26.05
CA GLN A 349 5.98 -42.86 -27.02
C GLN A 349 4.71 -42.58 -26.22
N GLU A 350 4.57 -41.33 -25.77
CA GLU A 350 3.41 -40.86 -25.01
C GLU A 350 2.98 -41.86 -23.92
N MET A 352 1.00 -39.82 -21.00
CA MET A 352 1.28 -38.73 -20.07
C MET A 352 1.26 -39.18 -18.62
N LYS A 353 2.25 -38.69 -17.86
CA LYS A 353 2.35 -38.97 -16.43
C LYS A 353 1.64 -37.86 -15.67
N GLU A 354 0.60 -38.22 -14.90
CA GLU A 354 -0.10 -37.25 -14.05
C GLU A 354 0.59 -37.22 -12.70
N VAL A 355 1.52 -36.28 -12.55
CA VAL A 355 2.35 -36.11 -11.37
C VAL A 355 1.76 -34.97 -10.55
N ALA A 356 2.15 -34.90 -9.27
CA ALA A 356 1.70 -33.85 -8.38
C ALA A 356 2.23 -32.48 -8.82
N LYS A 357 1.75 -31.43 -8.14
CA LYS A 357 2.21 -30.07 -8.42
C LYS A 357 2.89 -29.42 -7.22
N HIS A 358 2.77 -29.99 -6.03
CA HIS A 358 3.57 -29.58 -4.88
C HIS A 358 4.18 -30.84 -4.29
N PRO A 359 5.51 -30.97 -4.24
CA PRO A 359 6.10 -32.25 -3.82
C PRO A 359 5.70 -32.66 -2.43
N LYS A 360 5.36 -31.71 -1.55
CA LYS A 360 5.10 -32.06 -0.17
C LYS A 360 3.61 -32.11 0.16
N ASN A 361 2.85 -31.06 -0.11
CA ASN A 361 1.43 -31.09 0.16
C ASN A 361 0.70 -31.64 -1.07
N ALA A 362 0.00 -32.74 -0.89
CA ALA A 362 -0.72 -33.37 -1.99
C ALA A 362 -2.00 -32.62 -2.35
N ASP A 363 -2.52 -31.81 -1.43
CA ASP A 363 -3.82 -31.17 -1.62
C ASP A 363 -3.80 -30.05 -2.65
N VAL A 364 -2.62 -29.63 -3.12
CA VAL A 364 -2.56 -28.59 -4.13
C VAL A 364 -3.13 -29.09 -5.45
N GLY A 365 -2.88 -30.36 -5.78
CA GLY A 365 -3.41 -30.99 -6.96
C GLY A 365 -2.36 -31.86 -7.63
N LEU A 366 -2.64 -32.20 -8.89
CA LEU A 366 -1.76 -33.01 -9.72
C LEU A 366 -1.85 -32.52 -11.15
N LYS A 367 -0.71 -32.53 -11.86
CA LYS A 367 -0.57 -31.98 -13.20
C LYS A 367 -0.22 -33.06 -14.21
N PRO A 368 -0.52 -32.85 -15.50
CA PRO A 368 -0.13 -33.82 -16.53
C PRO A 368 1.14 -33.50 -17.30
N VAL A 369 2.07 -34.46 -17.38
CA VAL A 369 3.22 -34.37 -18.29
C VAL A 369 3.24 -35.53 -19.28
N GLY A 372 7.57 -37.06 -25.30
CA GLY A 372 8.10 -38.40 -25.43
C GLY A 372 9.51 -38.45 -26.00
N SER A 373 9.72 -37.81 -27.15
CA SER A 373 11.01 -37.97 -27.84
C SER A 373 11.60 -36.67 -28.39
N LYS A 374 11.08 -35.51 -27.99
CA LYS A 374 11.80 -34.22 -28.10
C LYS A 374 11.50 -33.32 -26.91
N LEU A 376 12.55 -30.69 -24.73
CA LEU A 376 13.70 -29.84 -25.03
C LEU A 376 14.61 -29.60 -23.82
N ILE A 377 15.66 -28.83 -24.05
CA ILE A 377 16.57 -28.39 -23.00
C ILE A 377 16.90 -26.92 -23.27
N GLU A 378 17.89 -26.41 -22.57
CA GLU A 378 18.31 -25.03 -22.74
C GLU A 378 19.81 -24.98 -23.04
N GLY A 379 20.31 -23.76 -23.22
CA GLY A 379 21.73 -23.55 -23.40
C GLY A 379 22.52 -23.90 -22.16
N ALA A 380 22.24 -23.20 -21.05
CA ALA A 380 22.99 -23.42 -19.82
C ALA A 380 22.82 -24.83 -19.30
N ASP A 381 21.69 -25.48 -19.61
CA ASP A 381 21.53 -26.89 -19.23
C ASP A 381 22.46 -27.78 -20.04
N ALA A 382 22.66 -27.46 -21.34
CA ALA A 382 23.44 -28.24 -22.32
C ALA A 382 24.91 -28.43 -21.94
N GLU A 383 25.37 -28.11 -20.70
CA GLU A 383 26.75 -28.34 -20.30
C GLU A 383 26.92 -28.74 -18.83
N THR A 384 25.85 -29.10 -18.13
CA THR A 384 25.98 -29.54 -16.73
C THR A 384 25.42 -30.94 -16.49
N GLU A 389 27.59 -38.45 -20.08
CA GLU A 389 27.14 -38.11 -18.73
C GLU A 389 25.90 -38.92 -18.36
N VAL A 390 25.87 -39.36 -17.10
CA VAL A 390 24.73 -40.08 -16.58
C VAL A 390 23.65 -39.08 -16.19
N THR A 392 19.98 -37.90 -13.42
CA THR A 392 18.66 -37.92 -12.81
C THR A 392 17.74 -36.88 -13.45
N PHE A 393 16.49 -37.26 -13.70
CA PHE A 393 15.42 -36.34 -14.09
C PHE A 393 14.40 -36.24 -12.95
N ILE A 394 13.61 -35.14 -12.95
CA ILE A 394 12.57 -34.96 -11.94
C ILE A 394 11.26 -35.52 -12.49
N ASN A 395 10.44 -36.05 -11.58
CA ASN A 395 9.21 -36.75 -11.96
C ASN A 395 9.53 -37.91 -12.90
N TRP A 396 10.75 -38.42 -12.79
CA TRP A 396 11.28 -39.41 -13.71
C TRP A 396 12.55 -40.06 -13.18
N ASN A 398 17.11 -39.87 -15.62
CA ASN A 398 18.02 -41.01 -15.77
C ASN A 398 18.40 -41.24 -17.21
N ILE A 399 18.93 -40.21 -17.84
CA ILE A 399 19.27 -40.25 -19.26
C ILE A 399 20.78 -40.38 -19.39
N ILE A 400 21.21 -41.03 -20.46
CA ILE A 400 22.62 -41.15 -20.80
C ILE A 400 22.75 -40.80 -22.28
N ILE A 401 23.42 -39.68 -22.59
CA ILE A 401 23.33 -39.07 -23.92
C ILE A 401 24.41 -39.61 -24.84
N THR A 402 24.05 -39.80 -26.12
CA THR A 402 24.88 -40.41 -27.15
C THR A 402 26.06 -39.53 -27.51
N LYS A 403 25.77 -38.41 -28.16
CA LYS A 403 26.77 -37.48 -28.65
C LYS A 403 26.12 -36.12 -28.86
N LEU A 404 26.96 -35.10 -28.93
CA LEU A 404 26.56 -33.72 -29.17
C LEU A 404 27.09 -33.32 -30.54
N ASN A 405 26.19 -33.10 -31.51
CA ASN A 405 26.64 -32.62 -32.81
C ASN A 405 26.54 -31.09 -32.83
N ARG A 406 27.57 -30.46 -33.39
CA ARG A 406 28.11 -29.23 -32.84
C ARG A 406 27.80 -27.98 -33.67
N ASN A 407 28.50 -26.91 -33.31
CA ASN A 407 28.33 -25.54 -33.78
C ASN A 407 28.13 -25.41 -35.29
N ILE A 412 26.50 -25.90 -29.24
CA ILE A 412 25.63 -27.04 -29.53
C ILE A 412 24.30 -26.58 -30.14
N VAL A 413 23.81 -27.35 -31.11
CA VAL A 413 22.50 -27.13 -31.71
C VAL A 413 21.64 -28.41 -31.71
N SER A 414 22.21 -29.57 -31.36
CA SER A 414 21.43 -30.79 -31.14
C SER A 414 22.23 -31.72 -30.23
N ILE A 415 21.51 -32.56 -29.49
CA ILE A 415 22.07 -33.66 -28.68
C ILE A 415 21.07 -34.80 -28.70
N ASP A 416 21.53 -36.02 -28.96
CA ASP A 416 20.69 -37.19 -28.88
C ASP A 416 21.26 -38.15 -27.83
N THR A 417 20.45 -39.13 -27.45
CA THR A 417 20.68 -39.87 -26.22
C THR A 417 20.04 -41.25 -26.33
N LYS A 418 20.38 -42.12 -25.38
CA LYS A 418 19.55 -43.26 -25.10
C LYS A 418 18.90 -43.06 -23.73
N LEU A 419 18.60 -44.14 -23.03
CA LEU A 419 17.62 -44.05 -21.97
C LEU A 419 17.80 -45.26 -21.06
N ASN A 420 17.34 -45.11 -19.82
CA ASN A 420 17.08 -46.19 -18.87
C ASN A 420 16.81 -45.62 -17.47
N LEU A 421 15.63 -45.92 -16.92
CA LEU A 421 15.17 -45.33 -15.66
C LEU A 421 15.83 -45.93 -14.42
N ASP A 422 16.61 -46.99 -14.54
CA ASP A 422 17.30 -47.54 -13.37
C ASP A 422 18.57 -46.74 -13.12
N ASN A 423 18.62 -46.03 -11.97
CA ASN A 423 19.87 -45.55 -11.35
C ASN A 423 19.67 -44.54 -10.21
N LYS A 424 20.28 -43.36 -10.38
CA LYS A 424 20.73 -42.48 -9.30
C LYS A 424 19.65 -42.00 -8.34
N LYS A 431 17.24 -33.47 -10.97
CA LYS A 431 18.14 -32.34 -11.12
C LYS A 431 18.15 -31.78 -12.56
N ILE A 432 17.02 -31.90 -13.26
CA ILE A 432 16.89 -31.35 -14.62
C ILE A 432 15.42 -31.20 -15.01
N THR A 433 15.03 -29.99 -15.37
CA THR A 433 13.71 -29.77 -15.92
C THR A 433 13.79 -29.78 -17.44
N TRP A 434 12.68 -30.18 -18.07
CA TRP A 434 12.63 -30.31 -19.51
C TRP A 434 11.19 -30.13 -19.97
N LEU A 435 11.04 -29.79 -21.24
CA LEU A 435 9.74 -29.61 -21.86
C LEU A 435 9.66 -30.50 -23.10
N ALA A 436 8.92 -31.60 -22.99
CA ALA A 436 8.71 -32.47 -24.14
C ALA A 436 7.97 -31.71 -25.24
N GLU A 437 8.53 -31.74 -26.44
CA GLU A 437 7.88 -31.11 -27.60
C GLU A 437 6.85 -32.07 -28.21
N THR A 438 5.87 -32.48 -27.37
CA THR A 438 4.80 -33.37 -27.79
C THR A 438 3.74 -32.59 -28.57
N PRO A 439 3.15 -33.20 -29.60
CA PRO A 439 2.03 -32.54 -30.27
C PRO A 439 0.78 -32.53 -29.41
N ARG A 440 0.62 -33.53 -28.53
CA ARG A 440 -0.54 -33.61 -27.65
C ARG A 440 -0.75 -32.30 -26.89
N ALA A 441 0.25 -31.89 -26.12
CA ALA A 441 0.18 -30.71 -25.24
C ALA A 441 1.27 -29.73 -25.63
N PRO A 442 0.98 -28.76 -26.50
CA PRO A 442 1.97 -27.75 -26.85
C PRO A 442 2.14 -26.73 -25.74
N LEU A 443 3.25 -26.02 -25.82
CA LEU A 443 3.75 -25.24 -24.69
C LEU A 443 3.47 -23.75 -24.88
N ILE A 444 3.38 -23.05 -23.75
CA ILE A 444 2.70 -21.76 -23.68
C ILE A 444 3.70 -20.63 -23.85
N PRO A 445 3.35 -19.56 -24.59
CA PRO A 445 4.22 -18.38 -24.67
C PRO A 445 4.34 -17.69 -23.31
N THR A 446 5.57 -17.64 -22.79
CA THR A 446 5.83 -17.14 -21.45
C THR A 446 6.76 -15.94 -21.53
N VAL A 447 6.66 -15.05 -20.53
CA VAL A 447 7.64 -14.00 -20.30
C VAL A 447 7.95 -13.96 -18.81
N CYS A 448 9.21 -14.17 -18.44
CA CYS A 448 9.66 -13.91 -17.08
C CYS A 448 10.06 -12.45 -16.98
N VAL A 449 9.63 -11.79 -15.91
CA VAL A 449 9.91 -10.36 -15.70
C VAL A 449 10.62 -10.20 -14.38
N ASN A 450 11.53 -9.21 -14.32
CA ASN A 450 12.24 -8.93 -13.09
C ASN A 450 12.31 -7.43 -12.86
N TYR A 451 12.25 -7.04 -11.59
CA TYR A 451 12.25 -5.65 -11.17
C TYR A 451 13.28 -5.45 -10.06
N GLU A 452 13.77 -4.21 -9.95
CA GLU A 452 14.52 -3.78 -8.76
C GLU A 452 14.11 -2.35 -8.45
N HIS A 453 14.63 -1.83 -7.34
CA HIS A 453 14.15 -0.55 -6.84
C HIS A 453 14.45 0.57 -7.84
N LEU A 454 13.48 1.47 -8.00
CA LEU A 454 13.73 2.68 -8.77
C LEU A 454 14.78 3.56 -8.11
N ILE A 455 14.90 3.47 -6.79
CA ILE A 455 15.87 4.24 -6.04
C ILE A 455 16.97 3.30 -5.59
N THR A 456 18.19 3.62 -5.99
CA THR A 456 19.34 2.78 -5.75
C THR A 456 19.93 2.97 -4.37
N LYS A 457 19.75 4.15 -3.77
CA LYS A 457 20.28 4.40 -2.43
C LYS A 457 19.26 4.01 -1.38
N PRO A 458 19.59 3.09 -0.45
CA PRO A 458 18.62 2.72 0.59
C PRO A 458 18.16 3.88 1.46
N VAL A 459 18.93 4.22 2.49
CA VAL A 459 18.53 5.22 3.46
C VAL A 459 19.04 6.57 2.95
N LEU A 460 18.22 7.20 2.13
CA LEU A 460 18.56 8.45 1.48
C LEU A 460 17.88 9.62 2.19
N GLY A 461 18.53 10.76 2.17
CA GLY A 461 18.07 11.97 2.86
C GLY A 461 19.26 12.87 3.14
N LYS A 462 19.18 13.57 4.29
CA LYS A 462 20.27 14.42 4.76
C LYS A 462 20.44 15.54 3.74
N ASP A 463 19.34 16.28 3.52
CA ASP A 463 19.10 17.06 2.32
C ASP A 463 19.88 16.51 1.13
N GLU A 464 19.46 15.33 0.69
CA GLU A 464 19.68 14.84 -0.66
C GLU A 464 18.33 14.69 -1.33
N ASP A 465 18.34 14.26 -2.59
CA ASP A 465 17.07 13.92 -3.22
C ASP A 465 17.24 12.64 -4.03
N PHE A 466 16.10 12.02 -4.32
CA PHE A 466 16.06 10.77 -5.07
C PHE A 466 16.30 10.99 -6.55
N LYS A 467 15.93 12.17 -7.09
CA LYS A 467 15.88 12.42 -8.52
C LYS A 467 17.15 12.07 -9.28
N GLN A 468 18.17 11.62 -8.56
CA GLN A 468 19.52 11.45 -9.03
C GLN A 468 20.14 10.20 -8.36
N TYR A 469 19.27 9.22 -8.04
CA TYR A 469 19.67 7.88 -7.66
C TYR A 469 18.73 6.90 -8.36
N ILE A 470 18.46 7.16 -9.64
CA ILE A 470 17.43 6.46 -10.39
C ILE A 470 18.03 5.24 -11.07
N ASN A 471 17.53 4.06 -10.72
CA ASN A 471 17.91 2.83 -11.43
C ASN A 471 17.35 2.94 -12.84
N ARG A 472 18.04 3.71 -13.69
CA ARG A 472 17.48 4.14 -14.96
C ARG A 472 17.11 2.99 -15.90
N ASN A 473 17.56 1.77 -15.63
CA ASN A 473 16.96 0.58 -16.23
C ASN A 473 16.55 -0.32 -15.05
N SER A 474 15.25 -0.35 -14.77
CA SER A 474 14.70 -0.99 -13.59
C SER A 474 13.85 -2.22 -13.92
N LYS A 475 13.82 -2.65 -15.18
CA LYS A 475 12.97 -3.76 -15.62
C LYS A 475 13.69 -4.57 -16.69
N GLN A 476 13.55 -5.90 -16.64
CA GLN A 476 14.06 -6.77 -17.69
C GLN A 476 13.06 -7.86 -18.02
N GLU A 477 12.81 -8.07 -19.33
CA GLU A 477 11.93 -9.12 -19.83
C GLU A 477 12.76 -10.20 -20.52
N GLU A 478 12.37 -11.46 -20.32
CA GLU A 478 13.13 -12.60 -20.84
C GLU A 478 12.13 -13.61 -21.40
N LEU A 479 12.01 -13.65 -22.74
CA LEU A 479 11.07 -14.54 -23.42
C LEU A 479 11.35 -16.01 -23.10
N MET A 480 10.30 -16.77 -22.77
CA MET A 480 10.46 -18.15 -22.30
C MET A 480 9.34 -19.04 -22.87
N LEU A 481 9.31 -20.30 -22.41
CA LEU A 481 8.37 -21.31 -22.90
C LEU A 481 8.03 -22.23 -21.74
N GLY A 482 6.75 -22.35 -21.39
CA GLY A 482 6.36 -23.03 -20.17
C GLY A 482 5.40 -24.18 -20.41
N ASP A 483 5.28 -25.03 -19.36
CA ASP A 483 4.47 -26.24 -19.30
C ASP A 483 3.03 -25.94 -19.74
N PRO A 484 2.36 -26.86 -20.43
CA PRO A 484 1.00 -26.57 -20.90
C PRO A 484 0.01 -26.28 -19.79
N CYS A 485 0.23 -26.77 -18.56
CA CYS A 485 -0.70 -26.49 -17.47
C CYS A 485 -0.63 -25.01 -17.08
N LEU A 486 -0.01 -24.21 -17.94
CA LEU A 486 0.01 -22.75 -17.84
C LEU A 486 -1.04 -22.08 -18.72
N LYS A 487 -1.67 -22.83 -19.65
CA LYS A 487 -2.79 -22.32 -20.42
C LYS A 487 -3.91 -21.79 -19.52
N ASP A 488 -3.97 -22.27 -18.28
CA ASP A 488 -5.08 -22.07 -17.36
C ASP A 488 -4.76 -21.11 -16.22
N LEU A 489 -3.67 -20.36 -16.32
CA LEU A 489 -3.28 -19.46 -15.25
C LEU A 489 -4.15 -18.22 -15.26
N LYS A 490 -4.68 -17.86 -14.10
CA LYS A 490 -5.44 -16.64 -13.92
C LYS A 490 -4.55 -15.52 -13.39
N LYS A 491 -4.85 -14.29 -13.81
CA LYS A 491 -4.17 -13.14 -13.23
C LYS A 491 -4.27 -13.23 -11.73
N GLY A 492 -3.11 -13.21 -11.05
CA GLY A 492 -3.06 -13.32 -9.62
C GLY A 492 -2.66 -14.67 -9.08
N ASP A 493 -2.66 -15.72 -9.89
CA ASP A 493 -2.21 -17.02 -9.40
C ASP A 493 -0.71 -16.96 -9.11
N ILE A 494 -0.30 -17.63 -8.04
CA ILE A 494 1.10 -17.67 -7.61
C ILE A 494 1.62 -19.09 -7.79
N ILE A 495 2.59 -19.26 -8.69
CA ILE A 495 3.22 -20.55 -8.99
C ILE A 495 4.69 -20.50 -8.66
N GLN A 496 5.37 -21.64 -8.78
CA GLN A 496 6.81 -21.75 -8.56
C GLN A 496 7.46 -22.43 -9.75
N LEU A 497 8.09 -21.64 -10.62
CA LEU A 497 8.94 -22.21 -11.65
C LEU A 497 10.09 -22.99 -11.00
N GLN A 498 10.43 -24.13 -11.57
CA GLN A 498 11.50 -24.94 -11.01
C GLN A 498 12.85 -24.40 -11.47
N ARG A 499 13.79 -24.35 -10.52
CA ARG A 499 15.16 -23.81 -10.66
C ARG A 499 15.20 -22.30 -10.83
N ARG A 500 14.07 -21.59 -10.71
CA ARG A 500 14.05 -20.14 -10.86
C ARG A 500 13.53 -19.42 -9.63
N GLY A 501 12.35 -19.80 -9.13
CA GLY A 501 11.76 -19.19 -7.97
C GLY A 501 10.28 -18.91 -8.17
N PHE A 502 9.69 -18.15 -7.24
CA PHE A 502 8.24 -17.96 -7.20
C PHE A 502 7.81 -16.81 -8.11
N PHE A 503 6.72 -17.03 -8.83
CA PHE A 503 6.19 -16.04 -9.76
C PHE A 503 4.71 -15.79 -9.49
N ILE A 504 4.20 -14.74 -10.12
CA ILE A 504 2.78 -14.36 -10.06
C ILE A 504 2.33 -14.02 -11.47
N CYS A 505 1.22 -14.62 -11.91
CA CYS A 505 0.76 -14.42 -13.28
C CYS A 505 0.20 -13.01 -13.43
N ASP A 506 0.91 -12.18 -14.20
CA ASP A 506 0.50 -10.79 -14.38
C ASP A 506 -0.64 -10.66 -15.38
N GLN A 507 -0.61 -11.46 -16.46
CA GLN A 507 -1.70 -11.51 -17.44
C GLN A 507 -1.74 -12.95 -17.94
N PRO A 508 -2.92 -13.50 -18.16
CA PRO A 508 -3.02 -14.90 -18.61
C PRO A 508 -2.68 -15.01 -20.09
N TYR A 509 -2.56 -16.27 -20.55
CA TYR A 509 -2.45 -16.54 -21.97
C TYR A 509 -3.84 -16.54 -22.62
N GLU A 510 -3.92 -16.00 -23.84
CA GLU A 510 -5.13 -16.09 -24.69
C GLU A 510 -4.78 -16.23 -26.18
N PRO A 511 -5.39 -17.20 -26.90
CA PRO A 511 -5.25 -17.38 -28.37
C PRO A 511 -5.68 -16.15 -29.19
N LYS A 518 -2.22 -11.29 -33.50
CA LYS A 518 -1.19 -12.21 -33.06
C LYS A 518 -1.54 -13.18 -31.93
N GLU A 519 -0.65 -13.16 -30.94
CA GLU A 519 -0.78 -13.94 -29.72
C GLU A 519 -0.57 -13.04 -28.52
N ALA A 520 -0.79 -13.61 -27.34
CA ALA A 520 -0.62 -12.90 -26.07
C ALA A 520 -0.01 -13.80 -25.01
N PRO A 521 1.21 -13.52 -24.55
CA PRO A 521 1.91 -14.46 -23.68
C PRO A 521 1.31 -14.49 -22.28
N CYS A 522 1.68 -15.53 -21.55
CA CYS A 522 1.44 -15.59 -20.12
C CYS A 522 2.59 -14.89 -19.42
N ILE A 523 2.33 -13.69 -18.89
CA ILE A 523 3.39 -12.87 -18.29
C ILE A 523 3.51 -13.26 -16.82
N LEU A 524 4.73 -13.60 -16.41
CA LEU A 524 5.01 -14.00 -15.03
C LEU A 524 6.06 -13.07 -14.44
N ILE A 525 5.82 -12.61 -13.21
CA ILE A 525 6.64 -11.59 -12.57
C ILE A 525 7.33 -12.21 -11.38
N TYR A 526 8.61 -11.87 -11.19
CA TYR A 526 9.43 -12.53 -10.20
C TYR A 526 9.14 -11.98 -8.80
N ILE A 527 8.85 -12.88 -7.86
CA ILE A 527 8.47 -12.54 -6.51
C ILE A 527 9.74 -12.54 -5.65
N PRO A 528 10.22 -11.41 -5.18
CA PRO A 528 11.36 -11.41 -4.24
C PRO A 528 11.14 -12.33 -3.04
N ASP A 529 12.18 -13.09 -2.69
CA ASP A 529 12.11 -14.06 -1.60
C ASP A 529 12.80 -13.61 -0.33
N GLY A 530 13.41 -12.42 -0.32
CA GLY A 530 13.99 -11.89 0.91
C GLY A 530 15.34 -12.46 1.26
N HIS A 531 16.30 -11.58 1.53
CA HIS A 531 17.65 -11.97 1.96
C HIS A 531 18.23 -10.94 2.93
HG HG B . -4.96 31.92 9.57
HG HG C . 1.12 20.96 15.59
#